data_7PL3
#
_entry.id   7PL3
#
_cell.length_a   47.157
_cell.length_b   92.675
_cell.length_c   124.560
_cell.angle_alpha   90.000
_cell.angle_beta   90.000
_cell.angle_gamma   90.000
#
_symmetry.space_group_name_H-M   'C 2 2 21'
#
loop_
_entity.id
_entity.type
_entity.pdbx_description
1 polymer 'Putative endo-beta-N-acetylglucosaminidase'
2 non-polymer 'PENTAETHYLENE GLYCOL'
3 non-polymer DI(HYDROXYETHYL)ETHER
4 non-polymer 'CALCIUM ION'
5 water water
#
_entity_poly.entity_id   1
_entity_poly.type   'polypeptide(L)'
_entity_poly.pdbx_seq_one_letter_code
;NAAYYQVVPVTANVYDSDGEKLSYISQGSVVWLDKDRKSDDKRLAITISGLSGYMKTEDLQALDASKDFIPYYESDGHRF
YHYVAQNASIPVASHLSDMEVGKKYYSADGLHFDGFKLENPFLFKDLTEATNYSAEELDKVFSLLNINNSLLENKGATFK
EAEEHYHINALYLLAHSALESNWGRSKIAKDKNNFFGITAYDTTPYLSAKTFDDVDKGILGATKWIKENYIDRGRTFLGN
KASGMNVEYASDPYWGEKIASVMMKINEKLGGKD
;
_entity_poly.pdbx_strand_id   A
#
loop_
_chem_comp.id
_chem_comp.type
_chem_comp.name
_chem_comp.formula
1PE non-polymer 'PENTAETHYLENE GLYCOL' 'C10 H22 O6'
CA non-polymer 'CALCIUM ION' 'Ca 2'
PEG non-polymer DI(HYDROXYETHYL)ETHER 'C4 H10 O3'
#
# COMPACT_ATOMS: atom_id res chain seq x y z
N ALA A 2 25.69 -5.55 9.09
CA ALA A 2 24.35 -6.17 9.28
C ALA A 2 23.68 -6.42 7.91
N ALA A 3 22.80 -7.42 7.80
CA ALA A 3 22.00 -7.62 6.58
C ALA A 3 20.76 -6.70 6.57
N TYR A 4 20.24 -6.31 7.74
CA TYR A 4 18.97 -5.51 7.80
C TYR A 4 19.18 -4.22 8.61
N TYR A 5 18.53 -3.14 8.15
CA TYR A 5 18.57 -1.78 8.76
C TYR A 5 17.16 -1.27 8.96
N GLN A 6 16.96 -0.49 10.04
CA GLN A 6 15.64 0.08 10.38
C GLN A 6 15.73 1.59 10.26
N VAL A 7 14.68 2.17 9.69
CA VAL A 7 14.57 3.65 9.52
C VAL A 7 14.28 4.25 10.88
N VAL A 8 15.04 5.27 11.27
CA VAL A 8 14.91 5.89 12.61
C VAL A 8 14.05 7.16 12.57
N PRO A 9 14.27 8.12 11.65
CA PRO A 9 13.46 9.35 11.65
C PRO A 9 12.03 9.09 11.13
N VAL A 10 11.15 10.05 11.31
CA VAL A 10 9.71 9.92 10.89
C VAL A 10 9.59 9.42 9.42
N THR A 11 10.34 10.03 8.54
CA THR A 11 10.64 9.46 7.21
C THR A 11 12.07 9.71 6.84
N ALA A 12 12.53 9.00 5.80
CA ALA A 12 13.90 9.07 5.30
C ALA A 12 13.84 8.90 3.79
N ASN A 13 14.74 9.59 3.10
CA ASN A 13 14.80 9.57 1.64
C ASN A 13 15.55 8.34 1.18
N VAL A 14 15.19 7.87 0.00
CA VAL A 14 16.02 6.89 -0.73
C VAL A 14 16.55 7.59 -1.95
N TYR A 15 17.84 7.48 -2.22
CA TYR A 15 18.52 8.23 -3.30
C TYR A 15 19.10 7.25 -4.32
N ASP A 16 19.39 7.78 -5.50
CA ASP A 16 20.12 7.03 -6.54
C ASP A 16 21.62 7.28 -6.36
N SER A 17 22.43 6.80 -7.26
CA SER A 17 23.91 6.91 -7.13
C SER A 17 24.36 8.36 -7.41
N ASP A 18 23.53 9.16 -8.07
CA ASP A 18 23.79 10.59 -8.33
C ASP A 18 23.40 11.42 -7.10
N GLY A 19 22.81 10.86 -6.05
CA GLY A 19 22.32 11.69 -4.94
C GLY A 19 20.91 12.27 -5.15
N GLU A 20 20.21 11.90 -6.23
CA GLU A 20 18.81 12.38 -6.50
C GLU A 20 17.86 11.55 -5.65
N LYS A 21 16.85 12.21 -5.06
N LYS A 21 16.85 12.20 -5.07
CA LYS A 21 15.77 11.54 -4.28
CA LYS A 21 15.81 11.52 -4.27
C LYS A 21 14.91 10.70 -5.24
C LYS A 21 14.89 10.72 -5.21
N LEU A 22 14.73 9.44 -4.94
CA LEU A 22 13.86 8.47 -5.69
C LEU A 22 12.54 8.31 -4.93
N SER A 23 12.57 8.28 -3.62
CA SER A 23 11.34 8.17 -2.82
C SER A 23 11.65 8.46 -1.36
N TYR A 24 10.72 8.07 -0.49
CA TYR A 24 10.87 8.24 0.97
C TYR A 24 10.11 7.09 1.63
N ILE A 25 10.57 6.67 2.79
CA ILE A 25 10.00 5.54 3.54
C ILE A 25 9.86 5.92 5.00
N SER A 26 9.00 5.19 5.68
CA SER A 26 8.48 5.57 7.01
C SER A 26 9.42 5.07 8.11
N GLN A 27 9.39 5.79 9.20
CA GLN A 27 10.01 5.35 10.47
C GLN A 27 9.66 3.85 10.67
N GLY A 28 10.60 3.06 11.06
CA GLY A 28 10.35 1.63 11.39
C GLY A 28 10.58 0.73 10.23
N SER A 29 10.63 1.26 9.01
CA SER A 29 10.72 0.43 7.79
C SER A 29 12.05 -0.35 7.85
N VAL A 30 12.02 -1.60 7.45
CA VAL A 30 13.24 -2.43 7.44
C VAL A 30 13.73 -2.48 5.99
N VAL A 31 14.98 -2.16 5.78
CA VAL A 31 15.60 -2.23 4.44
C VAL A 31 16.69 -3.29 4.44
N TRP A 32 16.97 -3.85 3.27
N TRP A 32 16.97 -3.83 3.26
CA TRP A 32 17.93 -4.96 3.11
CA TRP A 32 17.94 -4.93 3.09
C TRP A 32 19.22 -4.38 2.53
C TRP A 32 19.22 -4.33 2.55
N LEU A 33 20.36 -4.75 3.11
CA LEU A 33 21.67 -4.34 2.55
C LEU A 33 21.87 -5.06 1.23
N ASP A 34 22.20 -4.30 0.19
CA ASP A 34 22.42 -4.85 -1.16
C ASP A 34 23.91 -5.10 -1.36
N LYS A 35 24.29 -6.38 -1.33
CA LYS A 35 25.71 -6.78 -1.40
C LYS A 35 26.31 -6.74 -2.80
N ASP A 36 25.47 -6.42 -3.79
CA ASP A 36 25.91 -6.39 -5.22
C ASP A 36 26.33 -4.97 -5.57
N ARG A 37 26.23 -4.06 -4.62
CA ARG A 37 26.51 -2.63 -4.89
C ARG A 37 27.38 -2.13 -3.75
N LYS A 38 28.10 -1.03 -3.96
CA LYS A 38 29.16 -0.54 -3.03
C LYS A 38 28.46 0.26 -1.95
N SER A 39 28.72 -0.04 -0.68
CA SER A 39 28.26 0.82 0.43
C SER A 39 29.50 1.50 1.00
N ASP A 40 29.35 2.64 1.65
CA ASP A 40 30.52 3.27 2.32
C ASP A 40 30.12 3.70 3.74
N ASP A 41 30.98 4.48 4.35
CA ASP A 41 30.78 5.05 5.70
C ASP A 41 29.49 5.88 5.75
N LYS A 42 29.21 6.65 4.70
CA LYS A 42 28.14 7.67 4.69
C LYS A 42 26.81 7.13 4.08
N ARG A 43 26.86 6.10 3.22
CA ARG A 43 25.64 5.63 2.55
C ARG A 43 25.70 4.12 2.36
N LEU A 44 24.56 3.51 2.55
CA LEU A 44 24.40 2.07 2.34
C LEU A 44 23.60 1.86 1.05
N ALA A 45 24.02 0.91 0.26
CA ALA A 45 23.21 0.36 -0.85
C ALA A 45 22.16 -0.55 -0.23
N ILE A 46 20.90 -0.22 -0.42
CA ILE A 46 19.81 -1.01 0.19
C ILE A 46 18.72 -1.24 -0.89
N THR A 47 17.85 -2.18 -0.57
CA THR A 47 16.64 -2.47 -1.32
C THR A 47 15.44 -2.40 -0.38
N ILE A 48 14.32 -1.87 -0.86
CA ILE A 48 13.04 -1.83 -0.11
C ILE A 48 11.90 -1.77 -1.12
N SER A 49 10.97 -2.74 -1.03
CA SER A 49 9.68 -2.71 -1.75
C SER A 49 9.98 -2.42 -3.23
N GLY A 50 10.87 -3.21 -3.81
CA GLY A 50 11.19 -3.16 -5.25
C GLY A 50 12.20 -2.09 -5.61
N LEU A 51 12.60 -1.19 -4.71
CA LEU A 51 13.50 -0.05 -5.02
C LEU A 51 14.95 -0.34 -4.56
N SER A 52 15.91 -0.23 -5.47
CA SER A 52 17.35 -0.42 -5.16
C SER A 52 17.99 0.95 -5.23
N GLY A 53 18.45 1.45 -4.11
CA GLY A 53 19.12 2.76 -4.07
C GLY A 53 20.04 2.85 -2.87
N TYR A 54 20.21 4.06 -2.35
CA TYR A 54 21.14 4.37 -1.24
C TYR A 54 20.35 5.15 -0.18
N MET A 55 20.71 4.92 1.06
CA MET A 55 20.20 5.69 2.22
C MET A 55 21.39 6.19 3.04
N LYS A 56 21.23 7.35 3.66
CA LYS A 56 22.20 7.90 4.61
C LYS A 56 22.22 7.00 5.84
N THR A 57 23.41 6.57 6.22
N THR A 57 23.44 6.61 6.23
CA THR A 57 23.64 5.78 7.45
CA THR A 57 23.71 5.81 7.45
C THR A 57 23.05 6.55 8.65
C THR A 57 23.08 6.55 8.65
N GLU A 58 23.06 7.81 8.65
CA GLU A 58 22.49 8.72 9.68
C GLU A 58 21.01 8.38 9.93
N ASP A 59 20.32 7.90 8.89
CA ASP A 59 18.88 7.63 9.00
C ASP A 59 18.59 6.18 9.46
N LEU A 60 19.61 5.35 9.62
CA LEU A 60 19.42 3.89 9.85
C LEU A 60 20.02 3.36 11.17
N GLN A 61 19.49 2.23 11.63
CA GLN A 61 19.94 1.44 12.79
C GLN A 61 19.96 -0.04 12.37
N ALA A 62 21.09 -0.67 12.53
CA ALA A 62 21.32 -2.11 12.18
C ALA A 62 20.43 -2.94 13.09
N LEU A 63 19.90 -4.00 12.56
CA LEU A 63 19.12 -4.97 13.34
C LEU A 63 19.87 -6.31 13.38
N ASP A 64 19.39 -7.14 14.27
CA ASP A 64 19.86 -8.53 14.50
C ASP A 64 18.65 -9.42 14.30
N ALA A 65 18.63 -10.24 13.24
CA ALA A 65 17.41 -10.97 12.79
C ALA A 65 17.04 -12.09 13.74
N SER A 66 17.94 -12.46 14.65
CA SER A 66 17.70 -13.55 15.63
C SER A 66 16.86 -12.99 16.76
N LYS A 67 16.85 -11.65 16.97
CA LYS A 67 16.04 -11.03 18.07
C LYS A 67 15.15 -9.85 17.61
N ASP A 68 15.43 -9.16 16.50
CA ASP A 68 14.61 -8.01 16.04
C ASP A 68 13.62 -8.49 14.98
N PHE A 69 12.44 -7.91 14.88
CA PHE A 69 11.46 -8.26 13.84
C PHE A 69 11.98 -7.81 12.46
N ILE A 70 12.00 -8.74 11.52
CA ILE A 70 12.24 -8.53 10.06
C ILE A 70 10.98 -8.96 9.32
N PRO A 71 10.43 -8.12 8.42
CA PRO A 71 9.25 -8.53 7.65
C PRO A 71 9.51 -9.82 6.89
N TYR A 72 8.49 -10.63 6.78
CA TYR A 72 8.57 -11.97 6.15
C TYR A 72 7.21 -12.30 5.60
N TYR A 73 7.16 -13.33 4.74
CA TYR A 73 5.91 -13.84 4.14
C TYR A 73 5.76 -15.29 4.62
N GLU A 74 4.52 -15.72 4.78
CA GLU A 74 4.23 -17.08 5.28
C GLU A 74 2.87 -17.59 4.77
N SER A 75 2.80 -18.86 4.36
CA SER A 75 1.56 -19.53 3.94
C SER A 75 0.92 -20.29 5.11
N ASP A 76 -0.41 -20.20 5.17
CA ASP A 76 -1.23 -21.01 6.10
C ASP A 76 -1.74 -22.22 5.33
N GLY A 77 -1.40 -22.38 4.04
CA GLY A 77 -1.91 -23.51 3.23
C GLY A 77 -3.06 -23.08 2.34
N HIS A 78 -3.50 -21.82 2.47
CA HIS A 78 -4.69 -21.30 1.74
C HIS A 78 -4.35 -19.95 1.11
N ARG A 79 -3.85 -19.02 1.92
CA ARG A 79 -3.30 -17.73 1.48
C ARG A 79 -1.85 -17.55 2.01
N PHE A 80 -1.09 -16.79 1.25
CA PHE A 80 0.26 -16.26 1.54
C PHE A 80 0.11 -14.85 2.13
N TYR A 81 0.64 -14.64 3.31
CA TYR A 81 0.53 -13.40 4.11
C TYR A 81 1.88 -12.70 4.16
N HIS A 82 1.86 -11.38 4.09
CA HIS A 82 3.01 -10.53 4.41
C HIS A 82 2.84 -10.05 5.85
N TYR A 83 3.76 -10.42 6.71
CA TYR A 83 3.92 -9.80 8.06
C TYR A 83 4.69 -8.48 7.88
N VAL A 84 3.93 -7.40 7.81
CA VAL A 84 4.40 -6.03 7.56
C VAL A 84 4.85 -5.39 8.88
N ALA A 85 4.46 -5.94 10.01
CA ALA A 85 4.86 -5.55 11.37
C ALA A 85 4.73 -6.80 12.25
N GLN A 86 5.33 -6.83 13.43
CA GLN A 86 5.38 -8.08 14.19
C GLN A 86 3.96 -8.61 14.34
N ASN A 87 3.00 -7.71 14.55
CA ASN A 87 1.63 -8.14 14.96
C ASN A 87 0.59 -7.83 13.88
N ALA A 88 0.96 -7.72 12.58
CA ALA A 88 0.00 -7.40 11.49
C ALA A 88 0.45 -8.12 10.21
N SER A 89 -0.44 -8.98 9.71
CA SER A 89 -0.27 -9.69 8.43
C SER A 89 -1.39 -9.30 7.46
N ILE A 90 -1.04 -9.25 6.19
CA ILE A 90 -2.04 -9.06 5.10
C ILE A 90 -1.89 -10.23 4.16
N PRO A 91 -3.03 -10.74 3.63
CA PRO A 91 -3.00 -11.75 2.59
C PRO A 91 -2.70 -11.06 1.23
N VAL A 92 -1.75 -11.61 0.49
CA VAL A 92 -1.22 -11.00 -0.77
C VAL A 92 -1.49 -11.93 -1.96
N ALA A 93 -1.68 -13.22 -1.72
CA ALA A 93 -1.80 -14.15 -2.85
C ALA A 93 -2.36 -15.46 -2.29
N SER A 94 -2.74 -16.35 -3.20
CA SER A 94 -3.12 -17.74 -2.88
C SER A 94 -1.88 -18.59 -2.56
N HIS A 95 -2.06 -19.66 -1.78
CA HIS A 95 -1.03 -20.67 -1.49
C HIS A 95 -0.55 -21.32 -2.77
N LEU A 96 0.78 -21.37 -2.99
CA LEU A 96 1.33 -22.15 -4.15
C LEU A 96 1.96 -23.43 -3.60
N SER A 97 1.80 -24.54 -4.32
CA SER A 97 2.19 -25.88 -3.84
C SER A 97 3.69 -25.85 -3.50
N ASP A 98 4.44 -24.92 -4.11
CA ASP A 98 5.88 -24.74 -3.84
C ASP A 98 6.12 -24.11 -2.46
N MET A 99 5.11 -23.60 -1.74
CA MET A 99 5.29 -22.97 -0.39
C MET A 99 5.14 -24.03 0.72
N GLU A 100 6.13 -24.16 1.58
CA GLU A 100 5.99 -24.98 2.78
C GLU A 100 5.16 -24.21 3.80
N VAL A 101 4.12 -24.84 4.33
CA VAL A 101 3.22 -24.22 5.32
C VAL A 101 4.03 -23.89 6.58
N GLY A 102 3.91 -22.65 7.07
CA GLY A 102 4.51 -22.21 8.33
C GLY A 102 5.99 -21.86 8.18
N LYS A 103 6.56 -21.93 6.98
CA LYS A 103 7.96 -21.52 6.71
C LYS A 103 7.97 -20.02 6.40
N LYS A 104 8.86 -19.28 7.06
CA LYS A 104 9.08 -17.84 6.79
C LYS A 104 9.90 -17.67 5.51
N TYR A 105 9.49 -16.78 4.62
CA TYR A 105 10.16 -16.52 3.33
C TYR A 105 10.49 -15.06 3.29
N TYR A 106 11.54 -14.67 2.60
CA TYR A 106 12.05 -13.27 2.60
C TYR A 106 12.16 -12.82 1.15
N SER A 107 11.70 -11.61 0.80
CA SER A 107 11.63 -11.01 -0.57
C SER A 107 11.57 -9.50 -0.45
N ALA A 108 12.35 -8.82 -1.29
CA ALA A 108 12.46 -7.35 -1.35
C ALA A 108 11.29 -6.75 -2.14
N ASP A 109 10.58 -7.51 -2.97
CA ASP A 109 9.47 -6.92 -3.79
C ASP A 109 8.14 -7.65 -3.51
N GLY A 110 8.16 -8.79 -2.80
CA GLY A 110 6.95 -9.58 -2.53
C GLY A 110 6.49 -10.33 -3.77
N LEU A 111 7.37 -10.45 -4.77
CA LEU A 111 7.00 -11.11 -6.05
C LEU A 111 7.99 -12.24 -6.31
N HIS A 112 9.29 -11.89 -6.25
CA HIS A 112 10.38 -12.85 -6.48
C HIS A 112 10.77 -13.49 -5.16
N PHE A 113 10.63 -14.81 -5.07
CA PHE A 113 11.16 -15.64 -3.98
C PHE A 113 12.12 -16.67 -4.63
N ASP A 114 12.89 -17.33 -3.79
CA ASP A 114 13.94 -18.29 -4.23
C ASP A 114 13.33 -19.43 -5.08
N GLY A 115 12.17 -19.99 -4.64
CA GLY A 115 11.58 -21.24 -5.14
C GLY A 115 10.24 -21.01 -5.81
N PHE A 116 9.79 -19.76 -5.90
CA PHE A 116 8.50 -19.45 -6.57
C PHE A 116 8.43 -17.97 -6.85
N LYS A 117 7.48 -17.60 -7.71
CA LYS A 117 7.24 -16.18 -8.08
C LYS A 117 5.73 -15.89 -7.89
N LEU A 118 5.40 -14.70 -7.41
CA LEU A 118 4.00 -14.28 -7.19
C LEU A 118 3.52 -13.37 -8.33
N GLU A 119 2.32 -13.67 -8.82
CA GLU A 119 1.47 -12.65 -9.48
C GLU A 119 0.74 -11.91 -8.35
N ASN A 120 0.89 -10.58 -8.31
CA ASN A 120 0.04 -9.71 -7.46
C ASN A 120 -0.65 -8.77 -8.43
N PRO A 121 -1.59 -9.28 -9.24
CA PRO A 121 -2.17 -8.51 -10.34
C PRO A 121 -2.81 -7.18 -9.92
N PHE A 122 -3.52 -7.10 -8.78
CA PHE A 122 -4.10 -5.80 -8.39
C PHE A 122 -3.02 -4.76 -8.15
N LEU A 123 -1.81 -5.18 -7.66
CA LEU A 123 -0.71 -4.23 -7.40
C LEU A 123 -0.28 -3.48 -8.65
N PHE A 124 -0.41 -4.07 -9.83
CA PHE A 124 0.05 -3.47 -11.10
C PHE A 124 -1.10 -3.21 -12.04
N LYS A 125 -2.34 -3.41 -11.61
CA LYS A 125 -3.53 -3.31 -12.50
C LYS A 125 -3.72 -1.84 -12.87
N ASP A 126 -3.90 -1.54 -14.14
CA ASP A 126 -4.16 -0.16 -14.64
C ASP A 126 -5.48 0.33 -14.01
N LEU A 127 -5.43 1.40 -13.21
CA LEU A 127 -6.55 1.87 -12.35
C LEU A 127 -7.49 2.72 -13.19
N THR A 128 -7.20 2.92 -14.49
CA THR A 128 -8.15 3.69 -15.37
C THR A 128 -9.20 2.75 -15.96
N GLU A 129 -9.05 1.46 -15.80
CA GLU A 129 -10.03 0.45 -16.24
C GLU A 129 -11.11 0.26 -15.15
N ALA A 130 -12.37 0.30 -15.54
CA ALA A 130 -13.51 0.20 -14.58
C ALA A 130 -13.60 -1.21 -14.01
N THR A 131 -14.15 -1.33 -12.80
CA THR A 131 -14.47 -2.61 -12.14
C THR A 131 -15.68 -3.18 -12.87
N ASN A 132 -15.79 -4.51 -12.84
CA ASN A 132 -16.99 -5.24 -13.30
C ASN A 132 -18.05 -5.39 -12.20
N TYR A 133 -17.83 -4.82 -11.02
CA TYR A 133 -18.80 -4.86 -9.90
C TYR A 133 -19.81 -3.70 -10.08
N SER A 134 -21.08 -3.95 -9.84
CA SER A 134 -22.08 -2.85 -9.90
C SER A 134 -22.13 -2.12 -8.54
N ALA A 135 -22.87 -1.01 -8.49
CA ALA A 135 -23.10 -0.28 -7.24
C ALA A 135 -23.65 -1.28 -6.20
N GLU A 136 -24.65 -2.10 -6.56
CA GLU A 136 -25.30 -2.99 -5.56
C GLU A 136 -24.29 -4.03 -5.06
N GLU A 137 -23.41 -4.51 -5.92
CA GLU A 137 -22.41 -5.57 -5.56
C GLU A 137 -21.40 -5.00 -4.57
N LEU A 138 -20.94 -3.77 -4.82
CA LEU A 138 -19.99 -3.09 -3.92
C LEU A 138 -20.71 -2.94 -2.57
N ASP A 139 -22.01 -2.63 -2.56
CA ASP A 139 -22.71 -2.32 -1.29
C ASP A 139 -22.84 -3.60 -0.46
N LYS A 140 -22.89 -4.76 -1.12
CA LYS A 140 -23.05 -6.08 -0.46
C LYS A 140 -21.75 -6.43 0.31
N VAL A 141 -20.62 -5.80 -0.03
CA VAL A 141 -19.35 -6.14 0.64
C VAL A 141 -19.36 -5.83 2.13
N PHE A 142 -20.08 -4.80 2.59
CA PHE A 142 -20.08 -4.36 4.01
C PHE A 142 -20.57 -5.53 4.88
N SER A 143 -21.62 -6.23 4.49
CA SER A 143 -22.18 -7.38 5.26
C SER A 143 -21.21 -8.54 5.15
N LEU A 144 -20.69 -8.75 3.95
CA LEU A 144 -19.87 -9.94 3.64
C LEU A 144 -18.55 -9.90 4.40
N LEU A 145 -18.07 -8.72 4.80
CA LEU A 145 -16.80 -8.56 5.55
C LEU A 145 -17.08 -8.08 6.98
N ASN A 146 -18.34 -8.04 7.40
CA ASN A 146 -18.77 -7.61 8.75
C ASN A 146 -18.22 -6.20 8.98
N ILE A 147 -18.47 -5.29 8.03
CA ILE A 147 -18.05 -3.86 8.20
C ILE A 147 -19.22 -3.06 8.77
N ASN A 148 -19.14 -2.63 10.04
CA ASN A 148 -20.23 -1.97 10.80
C ASN A 148 -19.88 -0.49 11.01
N ASN A 149 -20.86 0.38 10.93
CA ASN A 149 -20.80 1.84 11.26
C ASN A 149 -19.92 2.58 10.25
N SER A 150 -19.80 2.08 9.04
CA SER A 150 -19.01 2.74 7.97
C SER A 150 -19.83 3.86 7.34
N LEU A 151 -19.23 5.03 7.18
N LEU A 151 -19.23 5.04 7.19
CA LEU A 151 -19.77 6.18 6.41
CA LEU A 151 -19.79 6.18 6.40
C LEU A 151 -19.86 5.87 4.90
C LEU A 151 -19.94 5.82 4.92
N LEU A 152 -19.19 4.82 4.45
CA LEU A 152 -19.20 4.39 3.02
C LEU A 152 -20.27 3.31 2.77
N GLU A 153 -21.00 2.87 3.78
CA GLU A 153 -22.12 1.93 3.57
C GLU A 153 -23.10 2.58 2.58
N ASN A 154 -23.58 1.80 1.64
CA ASN A 154 -24.57 2.22 0.62
C ASN A 154 -24.07 3.39 -0.21
N LYS A 155 -22.77 3.54 -0.44
CA LYS A 155 -22.24 4.56 -1.35
C LYS A 155 -21.69 3.91 -2.62
N GLY A 156 -21.96 2.62 -2.88
CA GLY A 156 -21.53 1.95 -4.12
C GLY A 156 -21.90 2.80 -5.33
N ALA A 157 -23.05 3.45 -5.27
CA ALA A 157 -23.51 4.28 -6.40
C ALA A 157 -22.61 5.54 -6.53
N THR A 158 -22.17 6.15 -5.44
CA THR A 158 -21.25 7.32 -5.57
C THR A 158 -19.89 6.82 -6.11
N PHE A 159 -19.42 5.66 -5.65
CA PHE A 159 -18.14 5.11 -6.20
C PHE A 159 -18.29 4.88 -7.72
N LYS A 160 -19.38 4.26 -8.19
CA LYS A 160 -19.49 3.96 -9.66
C LYS A 160 -19.60 5.29 -10.46
N GLU A 161 -20.28 6.28 -9.89
CA GLU A 161 -20.31 7.65 -10.46
C GLU A 161 -18.90 8.25 -10.58
N ALA A 162 -18.13 8.17 -9.51
CA ALA A 162 -16.75 8.67 -9.50
C ALA A 162 -15.99 7.96 -10.62
N GLU A 163 -16.18 6.63 -10.73
CA GLU A 163 -15.57 5.80 -11.81
C GLU A 163 -16.04 6.26 -13.19
N GLU A 164 -17.36 6.47 -13.37
CA GLU A 164 -17.96 6.92 -14.69
C GLU A 164 -17.35 8.28 -15.11
N HIS A 165 -17.28 9.23 -14.18
CA HIS A 165 -16.91 10.64 -14.49
C HIS A 165 -15.39 10.80 -14.61
N TYR A 166 -14.61 10.21 -13.67
CA TYR A 166 -13.14 10.44 -13.64
C TYR A 166 -12.32 9.29 -14.25
N HIS A 167 -12.95 8.20 -14.68
CA HIS A 167 -12.25 7.02 -15.27
C HIS A 167 -11.20 6.45 -14.29
N ILE A 168 -11.62 6.21 -13.04
CA ILE A 168 -10.80 5.51 -12.03
C ILE A 168 -11.61 4.33 -11.43
N ASN A 169 -10.92 3.21 -11.29
CA ASN A 169 -11.51 1.94 -10.87
C ASN A 169 -12.17 2.06 -9.49
N ALA A 170 -13.46 1.76 -9.42
CA ALA A 170 -14.28 1.93 -8.19
C ALA A 170 -13.90 0.88 -7.13
N LEU A 171 -13.45 -0.31 -7.55
CA LEU A 171 -13.07 -1.36 -6.58
C LEU A 171 -11.80 -0.84 -5.91
N TYR A 172 -10.95 -0.16 -6.67
CA TYR A 172 -9.67 0.47 -6.19
C TYR A 172 -10.11 1.62 -5.27
N LEU A 173 -11.12 2.43 -5.65
CA LEU A 173 -11.49 3.60 -4.77
C LEU A 173 -12.06 3.03 -3.47
N LEU A 174 -12.85 1.94 -3.50
CA LEU A 174 -13.42 1.38 -2.25
C LEU A 174 -12.24 0.86 -1.37
N ALA A 175 -11.30 0.11 -1.96
CA ALA A 175 -10.16 -0.54 -1.26
C ALA A 175 -9.22 0.51 -0.65
N HIS A 176 -8.90 1.56 -1.40
CA HIS A 176 -8.05 2.64 -0.92
C HIS A 176 -8.70 3.35 0.28
N SER A 177 -9.97 3.72 0.17
CA SER A 177 -10.66 4.40 1.29
C SER A 177 -10.84 3.43 2.45
N ALA A 178 -11.02 2.13 2.17
CA ALA A 178 -11.12 1.12 3.23
C ALA A 178 -9.82 1.12 4.05
N LEU A 179 -8.67 1.14 3.39
CA LEU A 179 -7.35 1.06 4.05
C LEU A 179 -7.04 2.39 4.72
N GLU A 180 -7.16 3.48 4.00
CA GLU A 180 -6.69 4.76 4.59
C GLU A 180 -7.55 5.28 5.73
N SER A 181 -8.83 4.96 5.75
CA SER A 181 -9.74 5.59 6.77
C SER A 181 -10.45 4.52 7.61
N ASN A 182 -10.00 3.28 7.52
CA ASN A 182 -10.62 2.17 8.26
C ASN A 182 -12.09 2.08 7.78
N TRP A 183 -12.31 1.97 6.48
CA TRP A 183 -13.70 1.95 5.92
C TRP A 183 -14.46 3.19 6.40
N GLY A 184 -13.93 4.37 6.25
CA GLY A 184 -14.75 5.55 6.61
C GLY A 184 -15.13 5.56 8.07
N ARG A 185 -14.23 5.14 8.96
CA ARG A 185 -14.47 5.16 10.42
C ARG A 185 -13.38 5.89 11.19
N SER A 186 -12.36 6.40 10.54
CA SER A 186 -11.29 7.23 11.17
C SER A 186 -11.88 8.58 11.60
N LYS A 187 -11.20 9.24 12.53
CA LYS A 187 -11.63 10.57 13.01
C LYS A 187 -11.59 11.54 11.81
N ILE A 188 -10.52 11.50 11.01
CA ILE A 188 -10.46 12.29 9.72
C ILE A 188 -11.66 11.99 8.81
N ALA A 189 -12.06 10.71 8.64
CA ALA A 189 -13.24 10.30 7.87
C ALA A 189 -14.48 11.03 8.38
N LYS A 190 -14.70 10.91 9.66
CA LYS A 190 -15.91 11.48 10.29
C LYS A 190 -15.85 13.01 10.36
N ASP A 191 -14.74 13.62 10.74
CA ASP A 191 -14.66 15.10 10.87
C ASP A 191 -14.71 15.74 9.50
N LYS A 192 -13.94 15.22 8.56
CA LYS A 192 -13.69 15.96 7.28
C LYS A 192 -14.10 15.20 6.03
N ASN A 193 -14.85 14.08 6.16
CA ASN A 193 -15.29 13.29 4.97
C ASN A 193 -14.06 13.07 4.06
N ASN A 194 -12.91 12.85 4.67
CA ASN A 194 -11.66 12.58 3.95
C ASN A 194 -11.38 11.09 4.17
N PHE A 195 -11.55 10.29 3.14
CA PHE A 195 -11.49 8.81 3.30
C PHE A 195 -10.20 8.21 2.70
N PHE A 196 -9.34 9.04 2.10
CA PHE A 196 -8.20 8.59 1.27
C PHE A 196 -6.90 9.17 1.76
N GLY A 197 -6.95 9.82 2.93
CA GLY A 197 -5.72 10.43 3.50
C GLY A 197 -5.14 11.59 2.67
N ILE A 198 -5.96 12.35 1.94
CA ILE A 198 -5.52 13.51 1.09
C ILE A 198 -4.88 14.62 1.94
N THR A 199 -3.67 15.04 1.51
CA THR A 199 -2.67 16.02 2.11
C THR A 199 -2.43 15.67 3.58
N ALA A 200 -2.81 14.47 4.04
CA ALA A 200 -2.57 14.02 5.43
C ALA A 200 -1.10 13.60 5.55
N TYR A 201 -0.20 14.60 5.59
CA TYR A 201 1.27 14.45 5.53
C TYR A 201 1.80 13.81 6.82
N ASP A 202 2.88 12.99 6.73
CA ASP A 202 3.51 12.24 7.86
C ASP A 202 3.85 13.15 9.04
N THR A 203 4.28 14.40 8.79
CA THR A 203 4.67 15.38 9.86
C THR A 203 3.45 15.73 10.74
N THR A 204 2.28 15.99 10.15
CA THR A 204 1.03 16.34 10.89
C THR A 204 -0.15 15.87 10.05
N PRO A 205 -0.53 14.56 10.14
CA PRO A 205 -1.54 13.97 9.25
C PRO A 205 -2.94 14.61 9.34
N TYR A 206 -3.48 14.73 10.55
CA TYR A 206 -4.86 15.25 10.78
C TYR A 206 -4.90 16.72 10.44
N LEU A 207 -3.90 17.54 10.87
CA LEU A 207 -3.96 19.03 10.66
C LEU A 207 -4.00 19.37 9.15
N SER A 208 -3.03 18.88 8.40
CA SER A 208 -3.00 19.13 6.96
C SER A 208 -4.09 18.30 6.22
N ALA A 209 -5.02 17.52 6.83
CA ALA A 209 -5.99 16.70 6.04
C ALA A 209 -7.08 17.59 5.41
N LYS A 210 -7.35 17.38 4.11
CA LYS A 210 -8.36 18.14 3.35
C LYS A 210 -9.76 17.91 3.91
N THR A 211 -10.58 18.95 3.93
CA THR A 211 -12.00 18.87 4.32
C THR A 211 -12.84 18.85 3.06
N PHE A 212 -13.75 17.88 2.97
CA PHE A 212 -14.89 17.79 2.01
C PHE A 212 -16.23 18.01 2.73
N ASP A 213 -17.23 18.52 1.98
CA ASP A 213 -18.47 19.11 2.56
C ASP A 213 -19.37 17.99 3.05
N ASP A 214 -19.36 16.85 2.39
CA ASP A 214 -20.25 15.69 2.70
C ASP A 214 -19.61 14.41 2.17
N VAL A 215 -20.24 13.29 2.45
CA VAL A 215 -19.61 11.95 2.12
C VAL A 215 -19.52 11.82 0.60
N ASP A 216 -20.60 12.23 -0.13
CA ASP A 216 -20.59 12.09 -1.62
C ASP A 216 -19.52 13.02 -2.18
N LYS A 217 -19.36 14.25 -1.65
CA LYS A 217 -18.37 15.17 -2.24
C LYS A 217 -16.96 14.73 -1.81
N GLY A 218 -16.87 14.06 -0.67
CA GLY A 218 -15.56 13.47 -0.29
C GLY A 218 -15.13 12.38 -1.26
N ILE A 219 -16.04 11.48 -1.61
CA ILE A 219 -15.71 10.41 -2.61
C ILE A 219 -15.35 11.08 -3.94
N LEU A 220 -16.23 11.94 -4.49
CA LEU A 220 -16.02 12.51 -5.84
C LEU A 220 -14.80 13.43 -5.80
N GLY A 221 -14.66 14.23 -4.74
CA GLY A 221 -13.57 15.20 -4.62
C GLY A 221 -12.19 14.49 -4.44
N ALA A 222 -12.14 13.38 -3.69
CA ALA A 222 -10.87 12.65 -3.50
C ALA A 222 -10.52 12.01 -4.84
N THR A 223 -11.51 11.44 -5.53
CA THR A 223 -11.31 10.84 -6.86
C THR A 223 -10.74 11.85 -7.85
N LYS A 224 -11.27 13.09 -7.87
CA LYS A 224 -10.80 14.17 -8.77
C LYS A 224 -9.35 14.45 -8.42
N TRP A 225 -9.03 14.47 -7.14
CA TRP A 225 -7.67 14.81 -6.64
C TRP A 225 -6.68 13.71 -7.09
N ILE A 226 -7.06 12.46 -6.94
CA ILE A 226 -6.23 11.30 -7.31
C ILE A 226 -6.01 11.34 -8.82
N LYS A 227 -7.07 11.61 -9.57
CA LYS A 227 -7.01 11.69 -11.04
C LYS A 227 -6.02 12.78 -11.43
N GLU A 228 -6.10 13.96 -10.80
CA GLU A 228 -5.33 15.13 -11.31
C GLU A 228 -3.89 15.04 -10.82
N ASN A 229 -3.67 14.49 -9.63
CA ASN A 229 -2.34 14.49 -8.98
C ASN A 229 -1.54 13.20 -9.25
N TYR A 230 -2.20 12.10 -9.63
CA TYR A 230 -1.55 10.78 -9.80
C TYR A 230 -1.83 10.22 -11.20
N ILE A 231 -3.08 9.88 -11.49
CA ILE A 231 -3.45 9.22 -12.78
C ILE A 231 -2.94 10.04 -13.98
N ASP A 232 -3.19 11.35 -13.98
CA ASP A 232 -2.85 12.28 -15.09
C ASP A 232 -1.36 12.56 -15.17
N ARG A 233 -0.61 12.29 -14.10
CA ARG A 233 0.84 12.50 -14.08
C ARG A 233 1.54 11.18 -14.34
N GLY A 234 0.84 10.15 -14.84
CA GLY A 234 1.45 8.86 -15.18
C GLY A 234 1.68 7.94 -14.01
N ARG A 235 0.95 8.11 -12.89
CA ARG A 235 0.97 7.11 -11.78
C ARG A 235 -0.37 6.41 -11.93
N THR A 236 -0.39 5.23 -12.55
CA THR A 236 -1.65 4.62 -13.01
C THR A 236 -1.86 3.24 -12.39
N PHE A 237 -1.03 2.83 -11.42
CA PHE A 237 -1.19 1.56 -10.67
C PHE A 237 -0.65 1.75 -9.25
N LEU A 238 -1.00 0.86 -8.34
CA LEU A 238 -0.66 1.03 -6.91
C LEU A 238 0.87 0.96 -6.72
N GLY A 239 1.43 -0.16 -7.14
CA GLY A 239 2.88 -0.41 -7.19
C GLY A 239 3.54 -0.40 -5.81
N ASN A 240 4.75 0.14 -5.74
CA ASN A 240 5.69 -0.07 -4.62
C ASN A 240 6.64 1.11 -4.59
N LYS A 241 7.83 0.95 -4.02
CA LYS A 241 8.71 2.15 -3.93
C LYS A 241 9.46 2.40 -5.26
N ALA A 242 9.42 1.47 -6.22
CA ALA A 242 10.11 1.63 -7.53
C ALA A 242 9.22 2.28 -8.59
N SER A 243 7.91 2.05 -8.55
CA SER A 243 6.98 2.67 -9.55
C SER A 243 5.56 2.62 -9.03
N GLY A 244 4.66 3.39 -9.67
CA GLY A 244 3.25 3.43 -9.29
C GLY A 244 3.03 4.50 -8.24
N MET A 245 1.78 4.61 -7.79
CA MET A 245 1.35 5.69 -6.86
C MET A 245 2.13 5.62 -5.56
N ASN A 246 2.56 4.46 -5.13
CA ASN A 246 3.22 4.29 -3.79
C ASN A 246 4.56 5.03 -3.75
N VAL A 247 5.15 5.38 -4.88
CA VAL A 247 6.47 6.09 -4.85
C VAL A 247 6.24 7.42 -4.09
N GLU A 248 5.12 8.09 -4.32
CA GLU A 248 4.94 9.43 -3.71
C GLU A 248 3.74 9.53 -2.78
N TYR A 249 2.81 8.60 -2.83
CA TYR A 249 1.52 8.79 -2.13
C TYR A 249 1.71 8.64 -0.63
N ALA A 250 2.63 7.76 -0.22
CA ALA A 250 2.74 7.32 1.18
C ALA A 250 4.18 6.90 1.47
N SER A 251 4.61 7.17 2.67
CA SER A 251 5.91 6.73 3.18
C SER A 251 5.89 5.24 3.36
N ASP A 252 4.75 4.66 3.77
CA ASP A 252 4.61 3.20 4.03
C ASP A 252 4.98 2.47 2.75
N PRO A 253 6.07 1.67 2.75
CA PRO A 253 6.51 0.95 1.56
C PRO A 253 5.54 -0.12 1.09
N TYR A 254 4.59 -0.48 1.94
CA TYR A 254 3.62 -1.54 1.64
C TYR A 254 2.19 -1.02 1.46
N TRP A 255 2.01 0.28 1.36
CA TRP A 255 0.72 0.96 1.10
C TRP A 255 0.04 0.32 -0.10
N GLY A 256 0.76 0.17 -1.22
CA GLY A 256 0.13 -0.41 -2.41
C GLY A 256 -0.27 -1.84 -2.12
N GLU A 257 0.63 -2.60 -1.54
CA GLU A 257 0.34 -4.03 -1.25
C GLU A 257 -0.91 -4.11 -0.36
N LYS A 258 -1.07 -3.16 0.57
CA LYS A 258 -2.20 -3.21 1.53
C LYS A 258 -3.51 -2.94 0.77
N ILE A 259 -3.50 -2.00 -0.17
CA ILE A 259 -4.71 -1.69 -1.00
C ILE A 259 -5.01 -2.88 -1.93
N ALA A 260 -4.01 -3.42 -2.60
CA ALA A 260 -4.22 -4.61 -3.43
C ALA A 260 -4.80 -5.72 -2.58
N SER A 261 -4.30 -5.91 -1.34
CA SER A 261 -4.80 -7.01 -0.51
C SER A 261 -6.32 -6.82 -0.28
N VAL A 262 -6.77 -5.60 -0.02
CA VAL A 262 -8.20 -5.36 0.19
C VAL A 262 -8.94 -5.62 -1.13
N MET A 263 -8.38 -5.20 -2.27
CA MET A 263 -9.09 -5.45 -3.54
C MET A 263 -9.27 -6.96 -3.69
N MET A 264 -8.23 -7.71 -3.44
CA MET A 264 -8.23 -9.20 -3.55
C MET A 264 -9.34 -9.78 -2.66
N LYS A 265 -9.43 -9.35 -1.40
CA LYS A 265 -10.45 -9.89 -0.45
C LYS A 265 -11.86 -9.56 -0.97
N ILE A 266 -12.09 -8.31 -1.38
CA ILE A 266 -13.44 -7.91 -1.85
C ILE A 266 -13.77 -8.76 -3.10
N ASN A 267 -12.85 -8.79 -4.04
CA ASN A 267 -13.04 -9.54 -5.32
C ASN A 267 -13.46 -10.97 -4.99
N GLU A 268 -12.76 -11.61 -4.04
CA GLU A 268 -13.06 -13.01 -3.68
C GLU A 268 -14.48 -13.10 -3.11
N LYS A 269 -14.88 -12.20 -2.20
CA LYS A 269 -16.19 -12.28 -1.53
C LYS A 269 -17.32 -11.94 -2.51
N LEU A 270 -17.06 -11.11 -3.53
CA LEU A 270 -18.10 -10.73 -4.55
C LEU A 270 -18.16 -11.70 -5.76
N GLY A 271 -17.34 -12.74 -5.82
CA GLY A 271 -17.45 -13.78 -6.86
C GLY A 271 -16.35 -13.73 -7.91
N GLY A 272 -15.32 -12.89 -7.83
CA GLY A 272 -14.18 -13.05 -8.74
C GLY A 272 -14.48 -12.47 -10.13
N LYS A 273 -15.20 -11.38 -10.25
CA LYS A 273 -15.48 -10.77 -11.56
C LYS A 273 -14.33 -9.91 -12.08
N ASP A 274 -13.42 -9.41 -11.24
CA ASP A 274 -12.29 -8.58 -11.74
C ASP A 274 -11.00 -9.41 -11.94
OH2 1PE B . -13.32 5.86 16.26
C12 1PE B . -12.22 6.64 15.85
C22 1PE B . -12.62 7.97 15.36
OH3 1PE B . -13.28 8.67 16.41
C13 1PE B . -14.88 10.47 16.76
C23 1PE B . -13.65 10.00 16.06
OH4 1PE B . -16.03 9.69 16.44
C14 1PE B . -18.36 9.40 16.73
C24 1PE B . -17.27 10.39 16.54
OH5 1PE B . -18.29 8.45 15.70
C15 1PE B . -18.74 6.15 16.02
C25 1PE B . -19.33 7.47 15.65
OH6 1PE B . -19.06 5.08 15.14
C16 1PE B . -16.95 3.86 15.41
C26 1PE B . -17.92 4.50 14.46
OH7 1PE B . -15.65 3.66 14.84
C1 PEG C . 3.06 12.90 -8.57
O1 PEG C . 2.81 11.68 -9.37
C2 PEG C . 2.35 12.91 -7.20
O2 PEG C . 2.41 14.23 -6.58
C3 PEG C . 1.38 14.49 -5.62
C4 PEG C . 1.41 15.93 -5.33
O4 PEG C . 0.38 16.35 -4.43
C1 PEG D . -22.18 -12.70 -2.06
O1 PEG D . -23.04 -13.85 -2.14
C2 PEG D . -21.62 -12.30 -3.38
O2 PEG D . -22.69 -12.09 -4.27
C3 PEG D . -22.31 -11.64 -5.59
C4 PEG D . -22.36 -10.17 -5.69
O4 PEG D . -23.62 -9.64 -5.35
CA CA E . 19.66 10.24 -11.57
#